data_7UXR
#
_entry.id   7UXR
#
_cell.length_a   37.690
_cell.length_b   43.127
_cell.length_c   98.757
_cell.angle_alpha   90.000
_cell.angle_beta   90.040
_cell.angle_gamma   90.000
#
_symmetry.space_group_name_H-M   'P 1 21 1'
#
loop_
_entity.id
_entity.type
_entity.pdbx_description
1 polymer 'TIR domain protein'
2 water water
#
_entity_poly.entity_id   1
_entity_poly.type   'polypeptide(L)'
_entity_poly.pdbx_seq_one_letter_code
;MSAWHPQFEKGGGSGGGSAWSHPQPQFEKGGGSSGGGASQYDFFISHASEDKDDIVRDLAEALRNNGFEVWYDEFELKIG
DSLRKKIDYGLSNANYGIVIISPSFVKKNWTEYELNGMVAREMNGHKVILPIWHKITKDEVLRFSPSLADKLALNTSIHT
IDDIVENLKNLHHHHHH
;
_entity_poly.pdbx_strand_id   A,B
#
# COMPACT_ATOMS: atom_id res chain seq x y z
N SER A 39 -14.73 -29.27 12.11
CA SER A 39 -14.48 -27.97 12.72
C SER A 39 -13.16 -27.35 12.28
N GLN A 40 -12.31 -28.11 11.61
CA GLN A 40 -11.00 -27.59 11.25
C GLN A 40 -11.11 -26.64 10.07
N TYR A 41 -10.28 -25.61 10.09
CA TYR A 41 -10.18 -24.60 9.05
C TYR A 41 -8.78 -24.63 8.43
N ASP A 42 -8.65 -24.08 7.24
CA ASP A 42 -7.35 -23.94 6.60
C ASP A 42 -6.63 -22.68 7.04
N PHE A 43 -7.37 -21.58 7.15
CA PHE A 43 -6.78 -20.29 7.50
C PHE A 43 -7.66 -19.58 8.53
N PHE A 44 -7.02 -18.84 9.44
CA PHE A 44 -7.73 -17.82 10.21
C PHE A 44 -7.13 -16.47 9.86
N ILE A 45 -7.96 -15.43 9.92
CA ILE A 45 -7.52 -14.10 9.52
C ILE A 45 -7.66 -13.13 10.72
N SER A 46 -6.53 -12.71 11.28
CA SER A 46 -6.50 -11.73 12.38
C SER A 46 -6.44 -10.33 11.80
N HIS A 47 -7.21 -9.41 12.41
CA HIS A 47 -7.39 -8.12 11.79
C HIS A 47 -7.91 -7.12 12.80
N ALA A 48 -7.64 -5.85 12.52
CA ALA A 48 -8.36 -4.76 13.18
C ALA A 48 -9.77 -4.65 12.59
N SER A 49 -10.72 -4.15 13.41
N SER A 49 -10.71 -4.15 13.42
CA SER A 49 -12.10 -4.06 12.95
CA SER A 49 -12.11 -4.04 12.97
C SER A 49 -12.23 -3.23 11.67
C SER A 49 -12.25 -3.21 11.71
N GLU A 50 -11.41 -2.19 11.53
CA GLU A 50 -11.53 -1.30 10.38
C GLU A 50 -11.41 -2.05 9.06
N ASP A 51 -10.75 -3.20 9.06
CA ASP A 51 -10.45 -3.95 7.87
C ASP A 51 -11.43 -5.09 7.62
N LYS A 52 -12.38 -5.30 8.55
CA LYS A 52 -13.22 -6.50 8.51
C LYS A 52 -14.10 -6.55 7.27
N ASP A 53 -14.77 -5.45 6.97
CA ASP A 53 -15.78 -5.45 5.91
C ASP A 53 -15.18 -5.22 4.54
N ASP A 54 -13.86 -5.01 4.47
CA ASP A 54 -13.20 -4.70 3.22
C ASP A 54 -12.25 -5.82 2.89
N ILE A 55 -10.96 -5.68 3.17
CA ILE A 55 -9.98 -6.66 2.73
C ILE A 55 -10.24 -8.02 3.37
N VAL A 56 -10.66 -8.04 4.62
CA VAL A 56 -10.82 -9.33 5.29
C VAL A 56 -11.93 -10.14 4.64
N ARG A 57 -13.09 -9.51 4.45
CA ARG A 57 -14.21 -10.15 3.78
C ARG A 57 -13.84 -10.54 2.36
N ASP A 58 -13.10 -9.66 1.66
CA ASP A 58 -12.78 -9.97 0.26
C ASP A 58 -11.80 -11.13 0.15
N LEU A 59 -10.79 -11.16 1.04
CA LEU A 59 -9.84 -12.26 1.02
C LEU A 59 -10.49 -13.56 1.46
N ALA A 60 -11.32 -13.49 2.50
CA ALA A 60 -12.00 -14.69 2.96
C ALA A 60 -12.88 -15.24 1.84
N GLU A 61 -13.63 -14.36 1.16
CA GLU A 61 -14.51 -14.79 0.07
C GLU A 61 -13.71 -15.44 -1.05
N ALA A 62 -12.59 -14.84 -1.44
CA ALA A 62 -11.81 -15.45 -2.52
C ALA A 62 -11.19 -16.78 -2.11
N LEU A 63 -10.65 -16.88 -0.90
CA LEU A 63 -10.12 -18.16 -0.46
C LEU A 63 -11.22 -19.22 -0.40
N ARG A 64 -12.39 -18.85 0.13
CA ARG A 64 -13.49 -19.81 0.20
C ARG A 64 -13.94 -20.23 -1.19
N ASN A 65 -13.99 -19.28 -2.12
CA ASN A 65 -14.43 -19.66 -3.48
C ASN A 65 -13.46 -20.63 -4.10
N ASN A 66 -12.19 -20.57 -3.71
CA ASN A 66 -11.13 -21.44 -4.19
C ASN A 66 -10.97 -22.70 -3.36
N GLY A 67 -11.96 -23.02 -2.49
CA GLY A 67 -12.04 -24.27 -1.78
C GLY A 67 -11.43 -24.30 -0.40
N PHE A 68 -11.01 -23.17 0.16
CA PHE A 68 -10.40 -23.16 1.48
C PHE A 68 -11.45 -22.80 2.52
N GLU A 69 -11.26 -23.30 3.73
CA GLU A 69 -12.13 -22.96 4.87
C GLU A 69 -11.41 -21.90 5.69
N VAL A 70 -12.09 -20.78 5.92
CA VAL A 70 -11.51 -19.58 6.52
C VAL A 70 -12.32 -19.18 7.75
N TRP A 71 -11.60 -18.91 8.83
CA TRP A 71 -12.16 -18.48 10.11
C TRP A 71 -11.71 -17.06 10.42
N TYR A 72 -12.66 -16.15 10.62
CA TYR A 72 -12.24 -14.79 10.95
C TYR A 72 -13.16 -14.08 11.91
N ASP A 73 -14.32 -14.62 12.25
CA ASP A 73 -15.22 -13.86 13.09
C ASP A 73 -14.72 -13.71 14.53
N GLU A 74 -13.86 -14.60 15.00
CA GLU A 74 -13.31 -14.53 16.36
C GLU A 74 -11.95 -13.84 16.44
N PHE A 75 -11.47 -13.20 15.37
CA PHE A 75 -10.10 -12.72 15.32
C PHE A 75 -10.01 -11.24 15.03
N GLU A 76 -11.02 -10.49 15.40
CA GLU A 76 -10.86 -9.05 15.47
C GLU A 76 -9.94 -8.73 16.63
N LEU A 77 -8.97 -7.88 16.40
CA LEU A 77 -7.96 -7.53 17.39
C LEU A 77 -8.23 -6.12 17.89
N LYS A 78 -8.11 -5.96 19.20
CA LYS A 78 -8.32 -4.69 19.86
C LYS A 78 -7.21 -4.51 20.90
N ILE A 79 -7.05 -3.27 21.31
CA ILE A 79 -6.12 -2.93 22.39
C ILE A 79 -6.45 -3.75 23.62
N GLY A 80 -5.42 -4.32 24.23
CA GLY A 80 -5.58 -5.15 25.38
C GLY A 80 -5.65 -6.62 25.08
N ASP A 81 -5.86 -7.01 23.81
CA ASP A 81 -5.82 -8.41 23.46
C ASP A 81 -4.38 -8.92 23.54
N SER A 82 -4.25 -10.21 23.83
CA SER A 82 -2.98 -10.91 23.76
C SER A 82 -2.82 -11.49 22.37
N LEU A 83 -1.86 -10.97 21.60
CA LEU A 83 -1.59 -11.53 20.28
C LEU A 83 -1.21 -13.00 20.39
N ARG A 84 -0.42 -13.35 21.41
CA ARG A 84 0.00 -14.74 21.57
C ARG A 84 -1.17 -15.67 21.83
N LYS A 85 -2.10 -15.25 22.70
CA LYS A 85 -3.25 -16.09 23.01
C LYS A 85 -4.20 -16.20 21.82
N LYS A 86 -4.36 -15.10 21.06
CA LYS A 86 -5.23 -15.12 19.90
C LYS A 86 -4.67 -16.06 18.85
N ILE A 87 -3.36 -15.99 18.63
CA ILE A 87 -2.74 -16.87 17.64
C ILE A 87 -2.80 -18.32 18.08
N ASP A 88 -2.57 -18.57 19.38
CA ASP A 88 -2.69 -19.90 19.94
C ASP A 88 -4.06 -20.48 19.61
N TYR A 89 -5.10 -19.67 19.81
CA TYR A 89 -6.47 -20.13 19.60
C TYR A 89 -6.70 -20.42 18.13
N GLY A 90 -6.26 -19.50 17.26
CA GLY A 90 -6.45 -19.75 15.82
C GLY A 90 -5.75 -21.02 15.35
N LEU A 91 -4.52 -21.23 15.78
CA LEU A 91 -3.76 -22.42 15.37
C LEU A 91 -4.27 -23.70 16.00
N SER A 92 -5.09 -23.61 17.05
CA SER A 92 -5.68 -24.81 17.63
C SER A 92 -6.68 -25.44 16.68
N ASN A 93 -7.17 -24.71 15.69
CA ASN A 93 -8.13 -25.28 14.77
C ASN A 93 -7.97 -24.78 13.33
N ALA A 94 -6.79 -24.31 12.96
CA ALA A 94 -6.52 -23.85 11.60
C ALA A 94 -5.05 -24.12 11.31
N ASN A 95 -4.73 -24.26 10.02
CA ASN A 95 -3.38 -24.62 9.61
C ASN A 95 -2.46 -23.40 9.58
N TYR A 96 -2.99 -22.22 9.23
CA TYR A 96 -2.22 -21.00 9.04
C TYR A 96 -3.01 -19.81 9.53
N GLY A 97 -2.29 -18.81 10.02
CA GLY A 97 -2.90 -17.54 10.32
C GLY A 97 -2.41 -16.47 9.35
N ILE A 98 -3.34 -15.69 8.86
CA ILE A 98 -3.05 -14.51 8.04
C ILE A 98 -3.24 -13.33 8.95
N VAL A 99 -2.37 -12.34 8.88
N VAL A 99 -2.35 -12.36 8.90
CA VAL A 99 -2.52 -11.15 9.71
CA VAL A 99 -2.51 -11.14 9.70
C VAL A 99 -2.43 -9.90 8.83
C VAL A 99 -2.48 -9.96 8.76
N ILE A 100 -3.48 -9.09 8.87
CA ILE A 100 -3.60 -7.92 8.00
C ILE A 100 -2.86 -6.75 8.65
N ILE A 101 -1.70 -6.39 8.07
CA ILE A 101 -0.86 -5.29 8.58
C ILE A 101 -1.28 -4.00 7.91
N SER A 102 -2.29 -3.37 8.47
CA SER A 102 -2.83 -2.10 8.03
C SER A 102 -2.50 -1.03 9.06
N PRO A 103 -2.76 0.24 8.76
CA PRO A 103 -2.56 1.27 9.80
C PRO A 103 -3.35 1.02 11.05
N SER A 104 -4.62 0.58 10.93
CA SER A 104 -5.41 0.31 12.13
C SER A 104 -4.78 -0.78 12.98
N PHE A 105 -4.15 -1.77 12.36
CA PHE A 105 -3.49 -2.83 13.14
C PHE A 105 -2.27 -2.27 13.85
N VAL A 106 -1.40 -1.57 13.12
CA VAL A 106 -0.13 -1.18 13.73
C VAL A 106 -0.34 -0.11 14.78
N LYS A 107 -1.38 0.70 14.62
CA LYS A 107 -1.60 1.80 15.58
C LYS A 107 -2.19 1.31 16.88
N LYS A 108 -2.41 0.01 17.03
CA LYS A 108 -2.70 -0.58 18.33
C LYS A 108 -1.46 -0.69 19.21
N ASN A 109 -0.28 -0.33 18.69
CA ASN A 109 0.95 -0.30 19.45
C ASN A 109 1.29 -1.63 20.11
N TRP A 110 1.45 -2.65 19.30
CA TRP A 110 1.98 -3.90 19.78
C TRP A 110 3.46 -3.74 20.10
N THR A 111 3.93 -4.51 21.07
CA THR A 111 5.33 -4.41 21.41
C THR A 111 6.16 -5.25 20.46
N GLU A 112 7.46 -5.01 20.49
CA GLU A 112 8.38 -5.80 19.69
C GLU A 112 8.34 -7.27 20.06
N TYR A 113 8.29 -7.60 21.35
CA TYR A 113 8.23 -9.02 21.71
C TYR A 113 6.97 -9.66 21.16
N GLU A 114 5.83 -8.94 21.21
CA GLU A 114 4.57 -9.48 20.69
C GLU A 114 4.66 -9.69 19.18
N LEU A 115 5.20 -8.70 18.46
CA LEU A 115 5.24 -8.81 17.00
C LEU A 115 6.26 -9.83 16.54
N ASN A 116 7.44 -9.88 17.20
CA ASN A 116 8.44 -10.88 16.83
C ASN A 116 7.93 -12.27 17.11
N GLY A 117 7.19 -12.45 18.21
CA GLY A 117 6.67 -13.76 18.53
C GLY A 117 5.61 -14.20 17.54
N MET A 118 4.81 -13.24 17.06
CA MET A 118 3.78 -13.55 16.08
C MET A 118 4.42 -14.01 14.79
N VAL A 119 5.37 -13.25 14.27
CA VAL A 119 5.90 -13.54 12.94
C VAL A 119 6.77 -14.79 12.94
N ALA A 120 7.34 -15.14 14.09
CA ALA A 120 8.23 -16.28 14.20
C ALA A 120 7.50 -17.56 14.55
N ARG A 121 6.18 -17.51 14.75
CA ARG A 121 5.46 -18.66 15.25
C ARG A 121 5.57 -19.82 14.27
N GLU A 122 5.92 -20.98 14.80
CA GLU A 122 5.99 -22.19 13.99
C GLU A 122 5.05 -23.24 14.53
N MET A 123 4.59 -24.09 13.64
CA MET A 123 3.78 -25.24 14.02
C MET A 123 4.15 -26.35 13.06
N ASN A 124 4.36 -27.56 13.59
CA ASN A 124 4.75 -28.69 12.76
C ASN A 124 5.98 -28.36 11.90
N GLY A 125 6.90 -27.61 12.49
CA GLY A 125 8.19 -27.40 11.92
C GLY A 125 8.31 -26.32 10.87
N HIS A 126 7.28 -25.50 10.64
N HIS A 126 7.30 -25.46 10.70
CA HIS A 126 7.39 -24.42 9.66
CA HIS A 126 7.36 -24.41 9.69
C HIS A 126 6.64 -23.18 10.16
C HIS A 126 6.65 -23.17 10.19
N LYS A 127 6.98 -22.04 9.57
CA LYS A 127 6.32 -20.79 9.93
C LYS A 127 4.88 -20.83 9.44
N VAL A 128 3.96 -20.38 10.31
CA VAL A 128 2.54 -20.50 10.02
C VAL A 128 1.79 -19.18 10.07
N ILE A 129 2.45 -18.06 10.33
CA ILE A 129 1.79 -16.76 10.33
C ILE A 129 2.22 -15.99 9.09
N LEU A 130 1.23 -15.56 8.32
CA LEU A 130 1.42 -14.96 7.00
C LEU A 130 0.99 -13.50 7.03
N PRO A 131 1.92 -12.55 7.23
CA PRO A 131 1.54 -11.13 7.22
C PRO A 131 1.26 -10.63 5.81
N ILE A 132 0.24 -9.77 5.71
CA ILE A 132 -0.10 -9.10 4.45
C ILE A 132 -0.23 -7.62 4.75
N TRP A 133 0.67 -6.81 4.17
CA TRP A 133 0.57 -5.37 4.34
C TRP A 133 -0.58 -4.84 3.50
N HIS A 134 -1.31 -3.87 4.04
CA HIS A 134 -2.52 -3.40 3.37
C HIS A 134 -2.73 -1.92 3.67
N LYS A 135 -2.79 -1.10 2.60
CA LYS A 135 -3.06 0.35 2.64
C LYS A 135 -2.28 1.05 3.74
N ILE A 136 -0.97 0.78 3.74
CA ILE A 136 -0.05 1.21 4.80
C ILE A 136 1.20 1.79 4.13
N THR A 137 1.87 2.71 4.84
CA THR A 137 3.14 3.20 4.35
C THR A 137 4.28 2.53 5.12
N LYS A 138 5.44 2.43 4.48
CA LYS A 138 6.62 1.92 5.16
C LYS A 138 6.97 2.80 6.35
N ASP A 139 6.79 4.12 6.21
CA ASP A 139 7.02 5.00 7.34
C ASP A 139 6.11 4.67 8.52
N GLU A 140 4.85 4.28 8.26
CA GLU A 140 3.96 3.91 9.37
C GLU A 140 4.44 2.62 10.03
N VAL A 141 4.92 1.67 9.24
CA VAL A 141 5.47 0.43 9.79
C VAL A 141 6.68 0.75 10.68
N LEU A 142 7.57 1.62 10.22
CA LEU A 142 8.76 1.94 11.01
C LEU A 142 8.41 2.71 12.27
N ARG A 143 7.35 3.53 12.22
CA ARG A 143 6.94 4.33 13.38
C ARG A 143 6.27 3.47 14.44
N PHE A 144 5.33 2.59 14.03
CA PHE A 144 4.46 1.91 14.97
C PHE A 144 4.78 0.45 15.18
N SER A 145 5.46 -0.18 14.26
CA SER A 145 5.75 -1.60 14.35
C SER A 145 7.06 -1.93 13.67
N PRO A 146 8.16 -1.28 14.07
CA PRO A 146 9.39 -1.35 13.27
C PRO A 146 9.95 -2.74 13.08
N SER A 147 9.70 -3.68 14.00
CA SER A 147 10.26 -5.00 13.81
C SER A 147 9.66 -5.72 12.61
N LEU A 148 8.53 -5.21 12.08
CA LEU A 148 7.91 -5.87 10.94
C LEU A 148 8.52 -5.46 9.61
N ALA A 149 9.30 -4.38 9.61
CA ALA A 149 9.71 -3.75 8.36
C ALA A 149 10.51 -4.69 7.47
N ASP A 150 11.29 -5.58 8.08
CA ASP A 150 12.15 -6.49 7.35
C ASP A 150 11.61 -7.91 7.25
N LYS A 151 10.39 -8.16 7.73
CA LYS A 151 9.87 -9.51 7.77
C LYS A 151 9.08 -9.80 6.51
N LEU A 152 9.23 -11.01 5.98
CA LEU A 152 8.59 -11.41 4.74
C LEU A 152 7.08 -11.26 4.85
N ALA A 153 6.47 -10.66 3.82
CA ALA A 153 5.05 -10.38 3.80
C ALA A 153 4.58 -10.23 2.35
N LEU A 154 3.32 -10.56 2.12
CA LEU A 154 2.61 -10.13 0.91
C LEU A 154 2.17 -8.67 1.14
N ASN A 155 1.68 -8.04 0.07
CA ASN A 155 1.37 -6.60 0.12
C ASN A 155 0.31 -6.32 -0.92
N THR A 156 -0.88 -5.89 -0.49
CA THR A 156 -1.97 -5.75 -1.45
C THR A 156 -1.79 -4.63 -2.45
N SER A 157 -0.79 -3.74 -2.27
CA SER A 157 -0.46 -2.79 -3.33
C SER A 157 0.33 -3.43 -4.47
N ILE A 158 0.98 -4.57 -4.19
CA ILE A 158 1.80 -5.30 -5.17
C ILE A 158 1.09 -6.55 -5.65
N HIS A 159 0.31 -7.18 -4.81
CA HIS A 159 -0.32 -8.46 -5.06
C HIS A 159 -1.82 -8.28 -5.12
N THR A 160 -2.44 -8.70 -6.22
CA THR A 160 -3.88 -8.79 -6.24
C THR A 160 -4.36 -9.88 -5.30
N ILE A 161 -5.65 -9.88 -4.99
CA ILE A 161 -6.21 -10.97 -4.21
C ILE A 161 -5.95 -12.29 -4.93
N ASP A 162 -6.05 -12.31 -6.27
CA ASP A 162 -5.76 -13.56 -7.00
C ASP A 162 -4.30 -14.00 -6.80
N ASP A 163 -3.35 -13.05 -6.79
CA ASP A 163 -1.94 -13.38 -6.54
C ASP A 163 -1.77 -13.97 -5.14
N ILE A 164 -2.45 -13.37 -4.17
CA ILE A 164 -2.40 -13.86 -2.79
C ILE A 164 -2.96 -15.26 -2.70
N VAL A 165 -4.12 -15.49 -3.30
CA VAL A 165 -4.73 -16.82 -3.30
C VAL A 165 -3.78 -17.83 -3.94
N GLU A 166 -3.14 -17.49 -5.05
CA GLU A 166 -2.23 -18.43 -5.70
C GLU A 166 -1.07 -18.79 -4.79
N ASN A 167 -0.48 -17.81 -4.12
CA ASN A 167 0.59 -18.06 -3.16
C ASN A 167 0.12 -18.97 -2.04
N LEU A 168 -1.03 -18.68 -1.47
CA LEU A 168 -1.54 -19.47 -0.34
C LEU A 168 -1.94 -20.86 -0.79
N LYS A 169 -2.46 -21.02 -2.02
CA LYS A 169 -2.79 -22.33 -2.56
C LYS A 169 -1.53 -23.19 -2.67
N ASN A 170 -0.47 -22.65 -3.22
CA ASN A 170 0.77 -23.40 -3.38
C ASN A 170 1.35 -23.78 -2.04
N LEU A 171 1.34 -22.87 -1.07
CA LEU A 171 1.85 -23.15 0.26
C LEU A 171 1.03 -24.24 0.94
N HIS A 172 -0.28 -24.06 0.97
CA HIS A 172 -1.14 -25.01 1.66
C HIS A 172 -1.04 -26.38 1.02
N HIS A 173 -0.98 -26.44 -0.31
CA HIS A 173 -0.87 -27.74 -0.97
C HIS A 173 0.42 -28.45 -0.58
N HIS A 174 1.53 -27.73 -0.59
CA HIS A 174 2.82 -28.32 -0.22
C HIS A 174 2.77 -28.97 1.13
N HIS A 175 2.10 -28.34 2.10
CA HIS A 175 2.15 -28.81 3.48
C HIS A 175 0.95 -29.63 3.90
N HIS A 176 -0.13 -29.66 3.12
CA HIS A 176 -1.36 -30.27 3.63
C HIS A 176 -2.15 -31.04 2.59
N HIS A 177 -1.60 -31.34 1.42
CA HIS A 177 -2.43 -32.04 0.46
C HIS A 177 -2.82 -33.43 0.89
N GLN B 40 10.32 29.54 -12.03
CA GLN B 40 10.37 28.12 -12.41
C GLN B 40 10.94 27.29 -11.26
N TYR B 41 10.20 26.27 -10.82
CA TYR B 41 10.59 25.50 -9.65
C TYR B 41 10.72 24.01 -10.01
N ASP B 42 10.91 23.18 -8.97
CA ASP B 42 11.40 21.83 -9.19
C ASP B 42 10.29 20.78 -9.31
N PHE B 43 9.33 20.77 -8.38
CA PHE B 43 8.26 19.79 -8.40
C PHE B 43 6.94 20.44 -8.04
N PHE B 44 5.86 19.99 -8.70
CA PHE B 44 4.51 20.18 -8.17
C PHE B 44 3.95 18.80 -7.84
N ILE B 45 2.98 18.79 -6.93
CA ILE B 45 2.38 17.55 -6.46
C ILE B 45 0.87 17.64 -6.69
N SER B 46 0.39 16.92 -7.69
N SER B 46 0.38 16.92 -7.67
CA SER B 46 -1.04 16.79 -7.93
CA SER B 46 -1.05 16.81 -7.93
C SER B 46 -1.61 15.68 -7.06
C SER B 46 -1.62 15.67 -7.09
N HIS B 47 -2.79 15.91 -6.51
CA HIS B 47 -3.34 15.00 -5.50
C HIS B 47 -4.82 15.21 -5.37
N ALA B 48 -5.52 14.17 -4.95
CA ALA B 48 -6.87 14.33 -4.42
C ALA B 48 -6.80 14.97 -3.04
N SER B 49 -7.87 15.69 -2.68
CA SER B 49 -7.84 16.45 -1.44
C SER B 49 -7.56 15.57 -0.23
N GLU B 50 -8.02 14.32 -0.23
CA GLU B 50 -7.86 13.47 0.94
C GLU B 50 -6.40 13.24 1.29
N ASP B 51 -5.48 13.40 0.33
CA ASP B 51 -4.06 13.16 0.57
C ASP B 51 -3.26 14.42 0.91
N LYS B 52 -3.90 15.59 0.93
CA LYS B 52 -3.15 16.84 1.00
C LYS B 52 -2.39 16.97 2.33
N ASP B 53 -3.09 16.82 3.45
CA ASP B 53 -2.50 17.12 4.74
C ASP B 53 -1.55 16.04 5.22
N ASP B 54 -1.49 14.88 4.54
CA ASP B 54 -0.70 13.75 5.01
C ASP B 54 0.49 13.59 4.08
N ILE B 55 0.42 12.71 3.09
CA ILE B 55 1.58 12.35 2.30
C ILE B 55 2.06 13.52 1.45
N VAL B 56 1.14 14.34 0.94
CA VAL B 56 1.53 15.47 0.08
C VAL B 56 2.36 16.46 0.87
N ARG B 57 1.84 16.93 2.01
CA ARG B 57 2.57 17.88 2.84
C ARG B 57 3.90 17.30 3.32
N ASP B 58 3.90 16.02 3.70
CA ASP B 58 5.14 15.40 4.19
C ASP B 58 6.19 15.27 3.09
N LEU B 59 5.77 14.91 1.88
CA LEU B 59 6.71 14.78 0.78
C LEU B 59 7.24 16.15 0.38
N ALA B 60 6.38 17.15 0.34
CA ALA B 60 6.83 18.50 0.00
C ALA B 60 7.85 18.97 1.01
N GLU B 61 7.57 18.79 2.32
CA GLU B 61 8.52 19.21 3.35
C GLU B 61 9.87 18.55 3.15
N ALA B 62 9.88 17.24 2.91
CA ALA B 62 11.13 16.52 2.78
C ALA B 62 11.94 16.98 1.58
N LEU B 63 11.26 17.22 0.45
CA LEU B 63 11.92 17.75 -0.75
C LEU B 63 12.51 19.13 -0.50
N ARG B 64 11.77 20.01 0.19
CA ARG B 64 12.27 21.33 0.52
C ARG B 64 13.48 21.24 1.44
N ASN B 65 13.45 20.32 2.40
CA ASN B 65 14.62 20.14 3.26
C ASN B 65 15.80 19.56 2.51
N ASN B 66 15.62 19.20 1.24
CA ASN B 66 16.68 18.72 0.37
C ASN B 66 16.96 19.69 -0.76
N GLY B 67 16.71 20.99 -0.52
CA GLY B 67 17.08 22.04 -1.44
C GLY B 67 16.13 22.32 -2.58
N PHE B 68 15.00 21.60 -2.70
CA PHE B 68 14.12 21.78 -3.83
C PHE B 68 12.98 22.73 -3.51
N GLU B 69 12.46 23.39 -4.56
CA GLU B 69 11.29 24.24 -4.46
C GLU B 69 10.08 23.43 -4.97
N VAL B 70 9.09 23.25 -4.11
CA VAL B 70 7.97 22.35 -4.37
C VAL B 70 6.69 23.04 -3.95
N TRP B 71 5.69 23.03 -4.83
CA TRP B 71 4.37 23.56 -4.50
C TRP B 71 3.30 22.53 -4.86
N TYR B 72 2.15 22.67 -4.18
CA TYR B 72 1.10 21.67 -4.37
C TYR B 72 -0.34 22.13 -4.22
N ASP B 73 -0.60 23.19 -3.43
CA ASP B 73 -1.98 23.44 -3.03
C ASP B 73 -2.91 23.63 -4.23
N GLU B 74 -2.49 24.41 -5.22
CA GLU B 74 -3.34 24.65 -6.38
C GLU B 74 -3.37 23.49 -7.37
N PHE B 75 -2.68 22.38 -7.08
CA PHE B 75 -2.71 21.20 -7.93
C PHE B 75 -3.58 20.11 -7.34
N GLU B 76 -4.41 20.47 -6.38
CA GLU B 76 -5.43 19.55 -5.89
C GLU B 76 -6.43 19.27 -7.01
N LEU B 77 -6.84 18.02 -7.11
CA LEU B 77 -7.84 17.61 -8.09
C LEU B 77 -9.17 17.38 -7.39
N LYS B 78 -10.18 18.13 -7.79
CA LYS B 78 -11.54 17.95 -7.30
C LYS B 78 -12.37 17.33 -8.41
N ILE B 79 -13.44 16.62 -8.03
CA ILE B 79 -14.31 16.03 -9.04
C ILE B 79 -14.73 17.11 -10.01
N GLY B 80 -14.54 16.85 -11.30
CA GLY B 80 -14.78 17.85 -12.32
C GLY B 80 -13.52 18.45 -12.92
N ASP B 81 -12.52 18.74 -12.08
CA ASP B 81 -11.29 19.33 -12.57
C ASP B 81 -10.73 18.51 -13.73
N SER B 82 -9.95 19.17 -14.57
CA SER B 82 -9.31 18.54 -15.73
C SER B 82 -7.90 18.13 -15.36
N LEU B 83 -7.60 16.84 -15.47
CA LEU B 83 -6.26 16.34 -15.15
C LEU B 83 -5.23 16.94 -16.10
N ARG B 84 -5.53 16.94 -17.41
CA ARG B 84 -4.56 17.46 -18.37
C ARG B 84 -4.30 18.95 -18.16
N LYS B 85 -5.34 19.73 -17.84
CA LYS B 85 -5.11 21.15 -17.61
C LYS B 85 -4.24 21.36 -16.37
N LYS B 86 -4.50 20.61 -15.30
CA LYS B 86 -3.71 20.75 -14.09
C LYS B 86 -2.26 20.41 -14.35
N ILE B 87 -2.01 19.30 -15.05
CA ILE B 87 -0.65 18.91 -15.38
C ILE B 87 -0.01 19.96 -16.28
N ASP B 88 -0.77 20.49 -17.23
CA ASP B 88 -0.23 21.53 -18.11
C ASP B 88 0.21 22.75 -17.31
N TYR B 89 -0.65 23.22 -16.39
CA TYR B 89 -0.27 24.35 -15.55
C TYR B 89 0.99 24.04 -14.77
N GLY B 90 1.14 22.81 -14.29
CA GLY B 90 2.28 22.49 -13.45
C GLY B 90 3.58 22.39 -14.23
N LEU B 91 3.55 21.71 -15.37
CA LEU B 91 4.76 21.47 -16.15
C LEU B 91 5.27 22.73 -16.83
N SER B 92 4.42 23.76 -16.93
CA SER B 92 4.85 25.04 -17.46
C SER B 92 5.68 25.81 -16.45
N ASN B 93 5.50 25.54 -15.16
CA ASN B 93 6.21 26.22 -14.10
C ASN B 93 7.27 25.36 -13.42
N ALA B 94 7.26 24.04 -13.61
CA ALA B 94 8.11 23.17 -12.82
C ALA B 94 8.68 22.05 -13.67
N ASN B 95 9.82 21.52 -13.20
CA ASN B 95 10.53 20.51 -13.96
C ASN B 95 9.78 19.19 -13.97
N TYR B 96 9.10 18.87 -12.86
CA TYR B 96 8.46 17.56 -12.71
C TYR B 96 7.14 17.69 -11.98
N GLY B 97 6.23 16.77 -12.29
CA GLY B 97 4.99 16.62 -11.55
C GLY B 97 4.97 15.28 -10.85
N ILE B 98 4.66 15.31 -9.56
CA ILE B 98 4.44 14.10 -8.78
C ILE B 98 2.92 13.95 -8.68
N VAL B 99 2.40 12.75 -8.95
N VAL B 99 2.41 12.75 -8.95
CA VAL B 99 0.97 12.48 -8.87
CA VAL B 99 0.98 12.48 -8.87
C VAL B 99 0.74 11.34 -7.88
C VAL B 99 0.76 11.34 -7.88
N ILE B 100 -0.04 11.62 -6.85
CA ILE B 100 -0.32 10.63 -5.79
C ILE B 100 -1.48 9.73 -6.24
N ILE B 101 -1.16 8.46 -6.50
CA ILE B 101 -2.15 7.47 -6.96
C ILE B 101 -2.70 6.76 -5.73
N SER B 102 -3.73 7.34 -5.13
CA SER B 102 -4.44 6.82 -3.98
C SER B 102 -5.84 6.41 -4.41
N PRO B 103 -6.60 5.73 -3.54
CA PRO B 103 -7.98 5.40 -3.92
C PRO B 103 -8.80 6.63 -4.30
N SER B 104 -8.64 7.73 -3.53
CA SER B 104 -9.34 8.98 -3.80
C SER B 104 -9.02 9.51 -5.19
N PHE B 105 -7.79 9.30 -5.66
CA PHE B 105 -7.43 9.70 -7.02
C PHE B 105 -8.10 8.80 -8.06
N VAL B 106 -7.96 7.48 -7.94
CA VAL B 106 -8.36 6.61 -9.05
C VAL B 106 -9.88 6.57 -9.18
N LYS B 107 -10.61 6.77 -8.09
CA LYS B 107 -12.07 6.77 -8.11
C LYS B 107 -12.68 8.04 -8.70
N LYS B 108 -11.85 8.97 -9.19
CA LYS B 108 -12.36 10.04 -10.04
C LYS B 108 -12.66 9.57 -11.46
N ASN B 109 -12.33 8.32 -11.79
CA ASN B 109 -12.71 7.72 -13.07
C ASN B 109 -12.14 8.47 -14.26
N TRP B 110 -10.86 8.82 -14.16
CA TRP B 110 -10.14 9.34 -15.31
C TRP B 110 -10.17 8.32 -16.44
N THR B 111 -10.11 8.81 -17.66
CA THR B 111 -10.11 7.92 -18.82
C THR B 111 -8.70 7.44 -19.11
N GLU B 112 -8.61 6.34 -19.85
CA GLU B 112 -7.30 5.83 -20.25
C GLU B 112 -6.46 6.91 -20.93
N TYR B 113 -7.05 7.67 -21.87
CA TYR B 113 -6.28 8.71 -22.54
C TYR B 113 -5.72 9.70 -21.53
N GLU B 114 -6.59 10.23 -20.65
CA GLU B 114 -6.13 11.13 -19.59
C GLU B 114 -4.95 10.53 -18.84
N LEU B 115 -5.02 9.25 -18.50
CA LEU B 115 -3.98 8.65 -17.67
C LEU B 115 -2.75 8.29 -18.48
N ASN B 116 -2.93 7.73 -19.67
CA ASN B 116 -1.77 7.38 -20.50
C ASN B 116 -1.01 8.63 -20.92
N GLY B 117 -1.74 9.70 -21.27
CA GLY B 117 -1.06 10.94 -21.61
C GLY B 117 -0.27 11.49 -20.44
N MET B 118 -0.83 11.40 -19.23
CA MET B 118 -0.16 11.90 -18.05
C MET B 118 1.21 11.24 -17.86
N VAL B 119 1.24 9.91 -17.85
CA VAL B 119 2.49 9.21 -17.57
C VAL B 119 3.47 9.34 -18.74
N ALA B 120 2.97 9.65 -19.93
CA ALA B 120 3.81 9.75 -21.12
C ALA B 120 4.43 11.13 -21.30
N ARG B 121 3.95 12.15 -20.57
CA ARG B 121 4.44 13.50 -20.75
C ARG B 121 5.96 13.52 -20.77
N GLU B 122 6.52 14.31 -21.68
CA GLU B 122 7.95 14.53 -21.73
C GLU B 122 8.20 16.02 -21.90
N MET B 123 9.33 16.47 -21.36
CA MET B 123 9.72 17.87 -21.39
C MET B 123 11.23 17.90 -21.28
N ASN B 124 11.85 18.90 -21.91
CA ASN B 124 13.30 19.00 -21.96
C ASN B 124 13.97 17.72 -22.44
N GLY B 125 13.21 16.79 -23.02
CA GLY B 125 13.78 15.55 -23.50
C GLY B 125 13.78 14.38 -22.52
N HIS B 126 12.82 14.32 -21.60
CA HIS B 126 12.73 13.21 -20.66
C HIS B 126 11.34 13.17 -20.05
N LYS B 127 11.02 12.04 -19.41
CA LYS B 127 9.75 11.90 -18.71
C LYS B 127 9.72 12.84 -17.51
N VAL B 128 8.56 13.45 -17.25
CA VAL B 128 8.43 14.48 -16.23
C VAL B 128 7.30 14.25 -15.24
N ILE B 129 6.48 13.22 -15.41
CA ILE B 129 5.42 12.91 -14.46
C ILE B 129 5.81 11.66 -13.68
N LEU B 130 5.78 11.75 -12.35
CA LEU B 130 6.27 10.71 -11.45
C LEU B 130 5.12 10.21 -10.59
N PRO B 131 4.49 9.10 -10.95
CA PRO B 131 3.40 8.55 -10.13
C PRO B 131 3.93 7.87 -8.87
N ILE B 132 3.18 8.01 -7.79
CA ILE B 132 3.50 7.37 -6.51
C ILE B 132 2.19 6.74 -6.01
N TRP B 133 2.17 5.40 -5.94
CA TRP B 133 1.04 4.69 -5.35
C TRP B 133 1.05 4.86 -3.84
N HIS B 134 -0.12 5.05 -3.28
CA HIS B 134 -0.24 5.41 -1.87
C HIS B 134 -1.53 4.87 -1.30
N LYS B 135 -1.40 4.01 -0.29
CA LYS B 135 -2.52 3.39 0.44
C LYS B 135 -3.62 2.87 -0.49
N ILE B 136 -3.22 2.03 -1.44
CA ILE B 136 -4.08 1.57 -2.52
C ILE B 136 -3.79 0.09 -2.73
N THR B 137 -4.78 -0.62 -3.22
CA THR B 137 -4.54 -1.99 -3.64
C THR B 137 -4.35 -2.07 -5.15
N LYS B 138 -3.59 -3.07 -5.58
CA LYS B 138 -3.48 -3.35 -7.00
C LYS B 138 -4.85 -3.60 -7.59
N ASP B 139 -5.73 -4.30 -6.86
CA ASP B 139 -7.07 -4.55 -7.37
C ASP B 139 -7.82 -3.25 -7.63
N GLU B 140 -7.64 -2.25 -6.76
CA GLU B 140 -8.27 -0.95 -6.98
C GLU B 140 -7.74 -0.26 -8.24
N VAL B 141 -6.42 -0.29 -8.44
CA VAL B 141 -5.83 0.25 -9.67
C VAL B 141 -6.43 -0.45 -10.88
N LEU B 142 -6.51 -1.78 -10.85
CA LEU B 142 -7.01 -2.53 -11.98
C LEU B 142 -8.48 -2.23 -12.25
N ARG B 143 -9.26 -1.99 -11.20
CA ARG B 143 -10.68 -1.68 -11.37
C ARG B 143 -10.88 -0.26 -11.91
N PHE B 144 -10.21 0.73 -11.32
CA PHE B 144 -10.51 2.14 -11.59
C PHE B 144 -9.57 2.81 -12.59
N SER B 145 -8.33 2.32 -12.73
N SER B 145 -8.33 2.32 -12.73
CA SER B 145 -7.32 2.98 -13.55
CA SER B 145 -7.33 2.97 -13.55
C SER B 145 -6.36 1.94 -14.12
C SER B 145 -6.36 1.93 -14.12
N PRO B 146 -6.88 0.95 -14.86
CA PRO B 146 -6.03 -0.20 -15.24
C PRO B 146 -4.84 0.14 -16.10
N SER B 147 -4.88 1.25 -16.85
CA SER B 147 -3.71 1.61 -17.64
C SER B 147 -2.51 1.92 -16.77
N LEU B 148 -2.72 2.27 -15.50
CA LEU B 148 -1.59 2.54 -14.62
C LEU B 148 -0.96 1.28 -14.03
N ALA B 149 -1.63 0.14 -14.14
CA ALA B 149 -1.18 -1.05 -13.41
C ALA B 149 0.24 -1.44 -13.78
N ASP B 150 0.66 -1.17 -15.02
CA ASP B 150 1.95 -1.61 -15.52
C ASP B 150 2.98 -0.48 -15.62
N LYS B 151 2.60 0.75 -15.31
CA LYS B 151 3.47 1.90 -15.51
C LYS B 151 4.37 2.11 -14.29
N LEU B 152 5.63 2.47 -14.55
CA LEU B 152 6.61 2.65 -13.49
C LEU B 152 6.12 3.64 -12.46
N ALA B 153 6.25 3.27 -11.18
CA ALA B 153 5.86 4.17 -10.11
C ALA B 153 6.60 3.81 -8.83
N LEU B 154 6.77 4.80 -7.97
CA LEU B 154 7.13 4.57 -6.59
C LEU B 154 5.85 4.17 -5.84
N ASN B 155 6.03 3.74 -4.58
CA ASN B 155 4.94 3.13 -3.82
C ASN B 155 5.26 3.33 -2.36
N THR B 156 4.42 4.10 -1.64
CA THR B 156 4.76 4.41 -0.26
C THR B 156 4.71 3.22 0.69
N SER B 157 4.14 2.07 0.27
CA SER B 157 4.24 0.89 1.11
C SER B 157 5.61 0.22 1.02
N ILE B 158 6.39 0.56 -0.01
CA ILE B 158 7.69 -0.02 -0.26
C ILE B 158 8.79 0.98 0.00
N HIS B 159 8.50 2.26 -0.19
CA HIS B 159 9.49 3.34 -0.18
C HIS B 159 9.11 4.33 0.91
N THR B 160 10.03 4.58 1.84
CA THR B 160 9.87 5.66 2.79
C THR B 160 9.93 7.01 2.08
N ILE B 161 9.48 8.05 2.76
CA ILE B 161 9.65 9.40 2.21
C ILE B 161 11.11 9.64 1.87
N ASP B 162 12.01 9.22 2.75
CA ASP B 162 13.43 9.38 2.47
C ASP B 162 13.85 8.64 1.21
N ASP B 163 13.35 7.41 1.01
CA ASP B 163 13.66 6.67 -0.20
C ASP B 163 13.14 7.40 -1.43
N ILE B 164 11.92 7.95 -1.32
CA ILE B 164 11.31 8.67 -2.43
C ILE B 164 12.14 9.90 -2.76
N VAL B 165 12.54 10.65 -1.74
CA VAL B 165 13.36 11.84 -1.96
C VAL B 165 14.68 11.48 -2.63
N GLU B 166 15.30 10.39 -2.19
CA GLU B 166 16.58 10.01 -2.79
C GLU B 166 16.39 9.66 -4.26
N ASN B 167 15.28 8.99 -4.61
CA ASN B 167 15.00 8.65 -6.00
C ASN B 167 14.73 9.91 -6.83
N LEU B 168 13.94 10.84 -6.31
CA LEU B 168 13.63 12.05 -7.05
C LEU B 168 14.87 12.93 -7.20
N LYS B 169 15.71 12.98 -6.17
CA LYS B 169 16.98 13.68 -6.28
C LYS B 169 17.82 13.10 -7.41
N ASN B 170 17.99 11.78 -7.43
CA ASN B 170 18.84 11.16 -8.44
C ASN B 170 18.35 11.49 -9.84
N LEU B 171 17.02 11.44 -10.04
CA LEU B 171 16.45 11.79 -11.32
C LEU B 171 16.74 13.25 -11.66
N HIS B 172 16.51 14.15 -10.71
CA HIS B 172 16.73 15.57 -10.96
C HIS B 172 18.19 15.82 -11.33
N HIS B 173 19.11 15.19 -10.59
CA HIS B 173 20.53 15.34 -10.86
C HIS B 173 20.88 14.82 -12.25
N HIS B 174 20.31 13.69 -12.64
CA HIS B 174 20.63 13.09 -13.93
C HIS B 174 20.15 13.94 -15.10
N HIS B 175 19.16 14.81 -14.88
CA HIS B 175 18.54 15.60 -15.94
C HIS B 175 18.95 17.06 -15.97
N HIS B 176 19.12 17.68 -14.79
CA HIS B 176 19.38 19.10 -14.69
C HIS B 176 20.71 19.41 -14.06
N HIS B 177 21.31 18.47 -13.34
CA HIS B 177 22.68 18.57 -12.84
C HIS B 177 22.83 19.40 -11.57
#